data_2BVR
#
_entry.id   2BVR
#
_cell.length_a   70.322
_cell.length_b   71.702
_cell.length_c   72.539
_cell.angle_alpha   90.00
_cell.angle_beta   100.28
_cell.angle_gamma   90.00
#
_symmetry.space_group_name_H-M   'C 1 2 1'
#
loop_
_entity.id
_entity.type
_entity.pdbx_description
1 polymer 'ALPHA THROMBIN'
2 polymer 'HIRUDIN VARIANT-2'
3 polymer 'ALPHA THROMBIN'
4 non-polymer 2-[2-(4-CHLORO-PHENYLSULFANYL)-ACETYLAMINO]-3-(4-GUANIDINO-PHENYL)-PROPIONAMIDE
5 water water
#
loop_
_entity_poly.entity_id
_entity_poly.type
_entity_poly.pdbx_seq_one_letter_code
_entity_poly.pdbx_strand_id
1 'polypeptide(L)'
;IVEGSDAEIGMSPWQVMLFRKSPQELLCGASLISDRWVLTAAHCLLYPPWDKNFTENDLLVRIGKHSRTRYERNIEKISM
LEKIYIHPRYNWRENLDRDIALMKLKKPVAFSDYIHPVCLPDRETAASLLQAGYKGRVTGWGNLKEKGQPSVLQVVNLPI
VERPVCKDSTRIRITDNMFCAGYKPDEGKRGDACEGDSGGPFVMKSPFNNRWYQMGIVSWGEGCDRDGKYGFYTHVFRLK
KWIQKVIDQFGE
;
H
2 'polypeptide(L)' GDFEEIPEE(TYS)A I
3 'polypeptide(L)' TFGSGEADCGLRPLFEKKSLEDKTERELLESYIDGR L
#
# COMPACT_ATOMS: atom_id res chain seq x y z
N ILE A 1 -4.82 -9.05 -4.70
CA ILE A 1 -5.95 -8.93 -3.75
C ILE A 1 -6.94 -10.09 -3.96
N VAL A 2 -7.25 -10.79 -2.87
CA VAL A 2 -8.19 -11.91 -2.92
C VAL A 2 -9.57 -11.46 -2.43
N GLU A 3 -10.60 -11.84 -3.17
CA GLU A 3 -11.98 -11.50 -2.82
C GLU A 3 -12.27 -10.01 -2.81
N GLY A 4 -11.58 -9.26 -3.67
CA GLY A 4 -11.81 -7.83 -3.76
C GLY A 4 -12.63 -7.53 -5.00
N SER A 5 -12.55 -6.29 -5.47
CA SER A 5 -13.30 -5.89 -6.66
C SER A 5 -12.49 -4.87 -7.45
N ASP A 6 -12.91 -4.61 -8.67
CA ASP A 6 -12.23 -3.63 -9.51
C ASP A 6 -12.35 -2.26 -8.87
N ALA A 7 -11.24 -1.53 -8.85
CA ALA A 7 -11.27 -0.19 -8.28
C ALA A 7 -11.94 0.73 -9.30
N GLU A 8 -12.48 1.84 -8.83
CA GLU A 8 -13.10 2.81 -9.72
C GLU A 8 -11.96 3.69 -10.20
N ILE A 9 -12.17 4.37 -11.32
CA ILE A 9 -11.14 5.25 -11.86
C ILE A 9 -10.87 6.38 -10.86
N GLY A 10 -9.58 6.60 -10.56
CA GLY A 10 -9.19 7.65 -9.63
C GLY A 10 -9.53 7.38 -8.17
N MET A 11 -9.89 6.14 -7.86
CA MET A 11 -10.26 5.76 -6.49
C MET A 11 -9.08 5.74 -5.50
N SER A 12 -7.89 5.45 -6.01
CA SER A 12 -6.69 5.37 -5.17
C SER A 12 -5.58 6.06 -5.98
N PRO A 13 -5.69 7.39 -6.13
CA PRO A 13 -4.70 8.15 -6.90
C PRO A 13 -3.28 8.19 -6.36
N TRP A 14 -3.11 7.69 -5.14
CA TRP A 14 -1.79 7.62 -4.52
C TRP A 14 -1.15 6.26 -4.77
N GLN A 15 -1.87 5.38 -5.45
CA GLN A 15 -1.35 4.04 -5.72
C GLN A 15 -0.13 4.11 -6.63
N VAL A 16 0.91 3.36 -6.27
CA VAL A 16 2.11 3.33 -7.09
C VAL A 16 2.47 1.89 -7.38
N MET A 17 2.94 1.65 -8.60
CA MET A 17 3.38 0.32 -8.99
C MET A 17 4.90 0.34 -9.07
N LEU A 18 5.55 -0.57 -8.35
CA LEU A 18 7.00 -0.68 -8.40
C LEU A 18 7.20 -1.67 -9.53
N PHE A 19 7.86 -1.22 -10.59
CA PHE A 19 8.08 -2.01 -11.79
C PHE A 19 9.55 -2.36 -12.02
N ARG A 20 9.83 -3.65 -12.22
CA ARG A 20 11.18 -4.11 -12.47
C ARG A 20 11.53 -3.83 -13.94
N LYS A 21 12.70 -3.24 -14.16
CA LYS A 21 13.13 -2.93 -15.52
C LYS A 21 13.35 -4.16 -16.39
N SER A 22 14.16 -5.10 -15.90
CA SER A 22 14.46 -6.32 -16.65
C SER A 22 14.67 -7.51 -15.72
N PRO A 23 13.81 -8.53 -15.84
CA PRO A 23 12.68 -8.56 -16.77
C PRO A 23 11.54 -7.64 -16.31
N GLN A 24 10.81 -7.08 -17.26
CA GLN A 24 9.70 -6.19 -16.95
C GLN A 24 8.59 -6.96 -16.24
N GLU A 25 8.34 -6.61 -14.98
CA GLU A 25 7.31 -7.28 -14.20
C GLU A 25 6.94 -6.49 -12.95
N LEU A 26 5.82 -6.85 -12.35
CA LEU A 26 5.35 -6.20 -11.13
C LEU A 26 6.21 -6.66 -9.97
N LEU A 27 6.75 -5.70 -9.22
CA LEU A 27 7.59 -6.05 -8.08
C LEU A 27 6.83 -5.89 -6.77
N CYS A 28 6.05 -4.81 -6.67
CA CYS A 28 5.32 -4.52 -5.45
C CYS A 28 4.46 -3.30 -5.63
N GLY A 29 3.70 -3.02 -4.58
CA GLY A 29 2.87 -1.83 -4.54
C GLY A 29 3.65 -0.80 -3.75
N ALA A 30 3.13 0.41 -3.73
CA ALA A 30 3.74 1.53 -3.02
C ALA A 30 2.73 2.65 -3.02
N SER A 31 3.06 3.77 -2.39
CA SER A 31 2.14 4.89 -2.33
C SER A 31 2.86 6.23 -2.48
N LEU A 32 2.13 7.20 -3.02
CA LEU A 32 2.66 8.54 -3.24
C LEU A 32 2.33 9.41 -2.03
N ILE A 33 3.35 9.94 -1.37
CA ILE A 33 3.11 10.79 -0.20
C ILE A 33 3.46 12.26 -0.43
N SER A 34 4.03 12.56 -1.58
CA SER A 34 4.37 13.93 -1.97
C SER A 34 4.79 13.87 -3.44
N ASP A 35 5.10 15.02 -4.03
CA ASP A 35 5.50 15.04 -5.43
C ASP A 35 6.83 14.35 -5.73
N ARG A 36 7.62 14.07 -4.69
CA ARG A 36 8.90 13.42 -4.90
C ARG A 36 9.20 12.23 -4.00
N TRP A 37 8.25 11.87 -3.14
CA TRP A 37 8.47 10.75 -2.23
C TRP A 37 7.42 9.65 -2.34
N VAL A 38 7.92 8.41 -2.37
CA VAL A 38 7.09 7.22 -2.47
C VAL A 38 7.42 6.31 -1.28
N LEU A 39 6.37 5.78 -0.66
CA LEU A 39 6.49 4.91 0.51
C LEU A 39 6.19 3.46 0.12
N THR A 40 6.98 2.52 0.64
CA THR A 40 6.74 1.11 0.35
C THR A 40 7.28 0.26 1.50
N ALA A 41 7.24 -1.05 1.33
CA ALA A 41 7.75 -1.96 2.35
C ALA A 41 9.22 -2.25 2.07
N ALA A 42 10.02 -2.33 3.13
CA ALA A 42 11.43 -2.62 2.97
C ALA A 42 11.68 -3.96 2.27
N HIS A 43 10.85 -4.97 2.59
CA HIS A 43 11.06 -6.28 1.99
C HIS A 43 10.87 -6.31 0.47
N CYS A 44 10.25 -5.26 -0.08
CA CYS A 44 10.05 -5.18 -1.51
C CYS A 44 11.38 -4.88 -2.20
N LEU A 45 12.30 -4.26 -1.44
CA LEU A 45 13.59 -3.88 -1.98
C LEU A 45 14.76 -4.69 -1.44
N LEU A 46 14.61 -5.16 -0.20
CA LEU A 46 15.68 -5.92 0.44
C LEU A 46 15.18 -7.11 1.22
N TYR A 47 15.57 -8.31 0.78
CA TYR A 47 15.21 -9.52 1.49
C TYR A 47 16.26 -10.58 1.13
N PRO A 48 17.41 -10.54 1.82
CA PRO A 48 18.53 -11.46 1.63
C PRO A 48 18.21 -12.95 1.55
N PRO A 49 17.26 -13.44 2.36
CA PRO A 49 16.96 -14.88 2.28
C PRO A 49 16.57 -15.32 0.87
N TRP A 50 16.01 -14.40 0.10
CA TRP A 50 15.58 -14.68 -1.27
C TRP A 50 16.48 -14.03 -2.30
N ASP A 51 17.67 -13.59 -1.86
CA ASP A 51 18.63 -12.95 -2.74
C ASP A 51 18.04 -11.71 -3.42
N LYS A 52 17.22 -10.97 -2.67
CA LYS A 52 16.62 -9.76 -3.19
C LYS A 52 17.30 -8.55 -2.58
N ASN A 53 17.84 -7.69 -3.44
CA ASN A 53 18.52 -6.48 -3.01
C ASN A 53 18.58 -5.53 -4.20
N PHE A 54 17.45 -4.89 -4.49
CA PHE A 54 17.36 -3.97 -5.62
C PHE A 54 18.05 -2.63 -5.37
N THR A 55 18.57 -2.04 -6.43
CA THR A 55 19.22 -0.74 -6.36
C THR A 55 18.34 0.23 -7.17
N GLU A 56 18.61 1.53 -7.03
CA GLU A 56 17.84 2.54 -7.72
C GLU A 56 17.60 2.25 -9.21
N ASN A 57 18.67 1.89 -9.93
CA ASN A 57 18.57 1.63 -11.36
C ASN A 57 17.88 0.34 -11.79
N ASP A 58 17.50 -0.50 -10.84
CA ASP A 58 16.84 -1.75 -11.18
C ASP A 58 15.34 -1.60 -11.38
N LEU A 59 14.75 -0.54 -10.83
CA LEU A 59 13.31 -0.36 -10.93
C LEU A 59 12.83 1.00 -11.40
N LEU A 60 11.52 1.09 -11.57
CA LEU A 60 10.84 2.30 -12.00
C LEU A 60 9.54 2.37 -11.21
N VAL A 61 9.02 3.58 -11.05
CA VAL A 61 7.75 3.75 -10.35
C VAL A 61 6.74 4.22 -11.39
N ARG A 62 5.58 3.57 -11.41
CA ARG A 62 4.51 3.92 -12.34
C ARG A 62 3.35 4.43 -11.51
N ILE A 63 2.98 5.68 -11.76
CA ILE A 63 1.94 6.35 -11.00
C ILE A 63 0.73 6.71 -11.87
N GLY A 64 -0.45 6.67 -11.27
CA GLY A 64 -1.68 7.00 -11.98
C GLY A 64 -2.26 5.84 -12.77
N LYS A 65 -1.83 4.63 -12.47
CA LYS A 65 -2.31 3.46 -13.19
C LYS A 65 -3.61 2.87 -12.70
N HIS A 66 -4.26 2.15 -13.62
CA HIS A 66 -5.50 1.44 -13.33
C HIS A 66 -5.28 0.04 -13.89
N SER A 67 -5.02 -0.05 -15.19
CA SER A 67 -4.75 -1.33 -15.83
C SER A 67 -3.41 -1.86 -15.31
N ARG A 68 -3.34 -3.16 -15.07
CA ARG A 68 -2.12 -3.77 -14.57
C ARG A 68 -0.99 -3.85 -15.60
N THR A 69 -1.28 -4.45 -16.75
CA THR A 69 -0.26 -4.66 -17.79
C THR A 69 -0.12 -3.64 -18.92
N ARG A 70 -1.17 -2.86 -19.18
CA ARG A 70 -1.11 -1.91 -20.28
C ARG A 70 -0.36 -0.62 -19.97
N TYR A 71 0.24 -0.02 -20.99
CA TYR A 71 0.92 1.25 -20.83
C TYR A 71 -0.19 2.26 -21.04
N GLU A 72 -0.61 2.91 -19.95
CA GLU A 72 -1.70 3.86 -20.00
C GLU A 72 -1.29 5.25 -20.44
N ARG A 73 -1.11 5.35 -21.76
CA ARG A 73 -0.71 6.56 -22.45
C ARG A 73 -1.57 7.77 -22.10
N ASN A 74 -0.92 8.88 -21.80
CA ASN A 74 -1.59 10.13 -21.45
C ASN A 74 -2.21 10.12 -20.05
N ILE A 75 -2.01 9.05 -19.30
CA ILE A 75 -2.59 8.93 -17.97
C ILE A 75 -1.54 8.63 -16.91
N GLU A 76 -0.87 7.48 -17.02
CA GLU A 76 0.16 7.15 -16.04
C GLU A 76 1.43 7.92 -16.31
N LYS A 77 2.25 8.07 -15.26
CA LYS A 77 3.53 8.75 -15.37
C LYS A 77 4.57 7.82 -14.78
N ILE A 78 5.68 7.67 -15.48
CA ILE A 78 6.76 6.80 -15.03
C ILE A 78 7.92 7.63 -14.53
N SER A 79 8.39 7.32 -13.32
CA SER A 79 9.48 8.06 -12.70
C SER A 79 10.66 7.17 -12.35
N MET A 80 11.86 7.75 -12.43
CA MET A 80 13.08 7.04 -12.09
C MET A 80 13.39 7.35 -10.63
N LEU A 81 14.13 6.46 -9.97
CA LEU A 81 14.47 6.66 -8.57
C LEU A 81 15.83 7.33 -8.39
N GLU A 82 15.87 8.31 -7.49
CA GLU A 82 17.11 9.01 -7.19
C GLU A 82 17.82 8.27 -6.06
N LYS A 83 17.07 7.89 -5.04
CA LYS A 83 17.66 7.18 -3.91
C LYS A 83 16.63 6.39 -3.11
N ILE A 84 17.09 5.27 -2.56
CA ILE A 84 16.26 4.40 -1.73
C ILE A 84 16.75 4.51 -0.29
N TYR A 85 15.81 4.58 0.64
CA TYR A 85 16.14 4.66 2.07
C TYR A 85 15.36 3.57 2.80
N ILE A 86 16.09 2.61 3.35
CA ILE A 86 15.46 1.52 4.09
C ILE A 86 15.64 1.78 5.58
N HIS A 87 14.63 1.48 6.38
CA HIS A 87 14.74 1.71 7.81
C HIS A 87 15.98 0.98 8.31
N PRO A 88 16.87 1.68 9.06
CA PRO A 88 18.09 1.07 9.58
C PRO A 88 17.89 -0.13 10.51
N ARG A 89 16.70 -0.23 11.11
CA ARG A 89 16.43 -1.35 12.00
C ARG A 89 15.43 -2.35 11.44
N TYR A 90 15.24 -2.32 10.13
CA TYR A 90 14.35 -3.26 9.45
C TYR A 90 14.89 -4.66 9.73
N ASN A 91 14.04 -5.52 10.28
CA ASN A 91 14.45 -6.87 10.64
C ASN A 91 14.10 -7.91 9.58
N TRP A 92 14.94 -8.04 8.57
CA TRP A 92 14.70 -9.03 7.52
C TRP A 92 15.14 -10.41 7.97
N ARG A 93 15.96 -10.47 9.00
CA ARG A 93 16.44 -11.75 9.51
C ARG A 93 15.35 -12.57 10.16
N GLU A 94 14.39 -11.92 10.80
CA GLU A 94 13.35 -12.64 11.49
C GLU A 94 11.89 -12.42 11.07
N ASN A 95 11.27 -11.39 11.64
CA ASN A 95 9.85 -11.11 11.41
C ASN A 95 9.43 -9.88 10.62
N LEU A 96 10.35 -9.27 9.89
CA LEU A 96 10.04 -8.09 9.11
C LEU A 96 9.61 -6.88 9.96
N ASP A 97 10.11 -6.81 11.20
CA ASP A 97 9.81 -5.70 12.08
C ASP A 97 10.34 -4.43 11.39
N ARG A 98 9.56 -3.35 11.46
CA ARG A 98 9.94 -2.07 10.84
C ARG A 98 10.10 -2.21 9.32
N ASP A 99 9.12 -2.85 8.70
CA ASP A 99 9.13 -3.10 7.26
C ASP A 99 8.68 -1.84 6.51
N ILE A 100 9.61 -0.91 6.34
CA ILE A 100 9.29 0.35 5.69
C ILE A 100 10.50 0.90 4.94
N ALA A 101 10.23 1.53 3.81
CA ALA A 101 11.26 2.14 2.98
C ALA A 101 10.69 3.33 2.23
N LEU A 102 11.56 4.29 1.92
CA LEU A 102 11.18 5.47 1.18
C LEU A 102 12.01 5.51 -0.09
N MET A 103 11.42 6.07 -1.15
CA MET A 103 12.09 6.21 -2.42
C MET A 103 11.90 7.65 -2.88
N LYS A 104 13.01 8.33 -3.16
CA LYS A 104 12.95 9.70 -3.63
C LYS A 104 13.04 9.66 -5.15
N LEU A 105 12.12 10.36 -5.82
CA LEU A 105 12.10 10.40 -7.27
C LEU A 105 13.10 11.40 -7.81
N LYS A 106 13.63 11.13 -9.00
CA LYS A 106 14.60 12.04 -9.61
C LYS A 106 13.99 13.39 -9.91
N LYS A 107 12.73 13.39 -10.32
CA LYS A 107 12.01 14.63 -10.63
C LYS A 107 10.62 14.57 -10.04
N PRO A 108 10.04 15.73 -9.71
CA PRO A 108 8.69 15.74 -9.13
C PRO A 108 7.65 15.29 -10.16
N VAL A 109 6.67 14.51 -9.71
CA VAL A 109 5.63 14.04 -10.61
C VAL A 109 4.49 15.06 -10.57
N ALA A 110 3.86 15.29 -11.72
CA ALA A 110 2.76 16.25 -11.79
C ALA A 110 1.47 15.60 -11.34
N PHE A 111 0.77 16.25 -10.41
CA PHE A 111 -0.50 15.71 -9.93
C PHE A 111 -1.55 15.88 -11.02
N SER A 112 -2.57 15.04 -10.99
CA SER A 112 -3.66 15.07 -11.97
C SER A 112 -4.88 14.43 -11.34
N ASP A 113 -5.91 14.16 -12.14
CA ASP A 113 -7.09 13.51 -11.60
C ASP A 113 -6.76 12.09 -11.16
N TYR A 114 -5.67 11.54 -11.69
CA TYR A 114 -5.26 10.18 -11.42
C TYR A 114 -4.05 10.02 -10.51
N ILE A 115 -3.40 11.14 -10.20
CA ILE A 115 -2.18 11.14 -9.40
C ILE A 115 -2.33 12.19 -8.30
N HIS A 116 -2.34 11.73 -7.05
CA HIS A 116 -2.52 12.64 -5.92
C HIS A 116 -1.99 11.94 -4.67
N PRO A 117 -1.31 12.67 -3.78
CA PRO A 117 -0.77 12.07 -2.55
C PRO A 117 -1.76 11.77 -1.44
N VAL A 118 -1.43 10.75 -0.65
CA VAL A 118 -2.24 10.34 0.50
C VAL A 118 -1.62 11.04 1.72
N CYS A 119 -2.40 11.22 2.78
CA CYS A 119 -1.90 11.84 4.01
C CYS A 119 -1.27 10.80 4.91
N LEU A 120 -0.35 11.24 5.76
CA LEU A 120 0.24 10.35 6.76
C LEU A 120 -0.44 10.80 8.06
N PRO A 121 -0.81 9.83 8.92
CA PRO A 121 -1.47 10.12 10.19
C PRO A 121 -0.68 10.85 11.26
N ASP A 122 -1.40 11.59 12.08
CA ASP A 122 -0.84 12.32 13.20
C ASP A 122 -1.17 11.40 14.38
N ARG A 123 -0.66 11.71 15.56
CA ARG A 123 -0.92 10.87 16.72
C ARG A 123 -2.40 10.69 17.03
N GLU A 124 -3.15 11.78 16.95
CA GLU A 124 -4.58 11.76 17.24
C GLU A 124 -5.41 10.94 16.25
N THR A 125 -5.16 11.13 14.96
CA THR A 125 -5.90 10.38 13.95
C THR A 125 -5.60 8.89 14.09
N ALA A 126 -4.33 8.56 14.36
CA ALA A 126 -3.93 7.17 14.53
C ALA A 126 -4.63 6.55 15.74
N ALA A 127 -4.62 7.28 16.87
CA ALA A 127 -5.23 6.79 18.10
C ALA A 127 -6.74 6.59 17.92
N SER A 128 -7.37 7.46 17.16
CA SER A 128 -8.81 7.39 16.94
C SER A 128 -9.27 6.31 15.96
N LEU A 129 -8.49 6.09 14.91
CA LEU A 129 -8.89 5.11 13.90
C LEU A 129 -8.32 3.71 14.00
N LEU A 130 -7.16 3.58 14.65
CA LEU A 130 -6.56 2.26 14.80
C LEU A 130 -7.19 1.49 15.94
N GLN A 131 -8.41 1.03 15.71
CA GLN A 131 -9.16 0.28 16.71
C GLN A 131 -9.73 -0.98 16.10
N ALA A 132 -9.76 -2.06 16.87
CA ALA A 132 -10.29 -3.32 16.39
C ALA A 132 -11.71 -3.10 15.88
N GLY A 133 -12.01 -3.65 14.71
CA GLY A 133 -13.34 -3.50 14.14
C GLY A 133 -13.39 -2.42 13.07
N TYR A 134 -12.60 -1.37 13.24
CA TYR A 134 -12.55 -0.28 12.27
C TYR A 134 -11.95 -0.81 10.98
N LYS A 135 -12.56 -0.46 9.86
CA LYS A 135 -12.08 -0.94 8.56
C LYS A 135 -11.19 0.01 7.79
N GLY A 136 -10.23 -0.59 7.10
CA GLY A 136 -9.32 0.15 6.24
C GLY A 136 -9.47 -0.45 4.86
N ARG A 137 -8.76 0.12 3.90
CA ARG A 137 -8.84 -0.32 2.52
C ARG A 137 -7.46 -0.66 1.99
N VAL A 138 -7.36 -1.80 1.31
CA VAL A 138 -6.12 -2.26 0.73
C VAL A 138 -6.31 -2.37 -0.78
N THR A 139 -5.31 -1.95 -1.53
CA THR A 139 -5.37 -1.95 -2.98
C THR A 139 -4.09 -2.51 -3.59
N GLY A 140 -4.22 -3.11 -4.77
CA GLY A 140 -3.05 -3.66 -5.42
C GLY A 140 -3.33 -4.44 -6.68
N TRP A 141 -2.27 -4.78 -7.39
CA TRP A 141 -2.34 -5.55 -8.63
C TRP A 141 -1.82 -6.98 -8.42
N GLY A 142 -1.75 -7.40 -7.16
CA GLY A 142 -1.27 -8.73 -6.84
C GLY A 142 -2.23 -9.84 -7.23
N ASN A 143 -1.84 -11.07 -6.93
CA ASN A 143 -2.65 -12.24 -7.28
C ASN A 143 -4.06 -12.26 -6.70
N LEU A 144 -5.00 -12.79 -7.48
CA LEU A 144 -6.39 -12.86 -7.06
C LEU A 144 -6.63 -13.99 -6.04
N LYS A 145 -5.56 -14.70 -5.72
CA LYS A 145 -5.55 -15.79 -4.76
C LYS A 145 -4.32 -16.59 -5.13
N GLU A 146 -4.46 -17.87 -5.39
CA GLU A 146 -3.32 -18.64 -5.82
C GLU A 146 -3.62 -19.06 -7.24
N LYS A 147 -4.21 -18.12 -7.97
CA LYS A 147 -4.60 -18.30 -9.36
C LYS A 147 -3.83 -17.35 -10.28
N GLY A 148 -4.57 -16.50 -11.01
CA GLY A 148 -3.93 -15.58 -11.93
C GLY A 148 -3.80 -14.14 -11.47
N GLN A 149 -3.70 -13.26 -12.46
CA GLN A 149 -3.55 -11.81 -12.24
C GLN A 149 -4.78 -11.03 -12.69
N PRO A 150 -5.04 -9.88 -12.05
CA PRO A 150 -6.19 -9.02 -12.39
C PRO A 150 -5.92 -8.13 -13.59
N SER A 151 -7.00 -7.73 -14.27
CA SER A 151 -6.86 -6.84 -15.42
C SER A 151 -6.61 -5.42 -14.92
N VAL A 152 -7.29 -5.05 -13.84
CA VAL A 152 -7.14 -3.71 -13.28
C VAL A 152 -6.95 -3.75 -11.76
N LEU A 153 -6.56 -2.60 -11.22
CA LEU A 153 -6.33 -2.44 -9.79
C LEU A 153 -7.50 -2.99 -8.98
N GLN A 154 -7.18 -3.75 -7.94
CA GLN A 154 -8.18 -4.35 -7.07
C GLN A 154 -8.24 -3.64 -5.73
N VAL A 155 -9.40 -3.69 -5.09
CA VAL A 155 -9.61 -3.05 -3.80
C VAL A 155 -10.42 -3.95 -2.88
N VAL A 156 -10.12 -3.87 -1.59
CA VAL A 156 -10.85 -4.64 -0.60
C VAL A 156 -10.80 -3.91 0.74
N ASN A 157 -11.92 -3.91 1.45
CA ASN A 157 -11.98 -3.26 2.76
C ASN A 157 -11.90 -4.35 3.81
N LEU A 158 -11.07 -4.16 4.82
CA LEU A 158 -10.87 -5.15 5.86
C LEU A 158 -10.81 -4.54 7.24
N PRO A 159 -11.37 -5.24 8.25
CA PRO A 159 -11.36 -4.73 9.62
C PRO A 159 -10.06 -4.99 10.37
N ILE A 160 -9.65 -4.03 11.18
CA ILE A 160 -8.47 -4.17 12.00
C ILE A 160 -8.84 -5.22 13.07
N VAL A 161 -7.89 -6.10 13.39
CA VAL A 161 -8.12 -7.17 14.34
C VAL A 161 -7.45 -6.94 15.70
N GLU A 162 -8.09 -7.43 16.76
CA GLU A 162 -7.56 -7.29 18.11
C GLU A 162 -6.16 -7.91 18.18
N ARG A 163 -5.25 -7.23 18.84
CA ARG A 163 -3.88 -7.73 18.94
C ARG A 163 -3.72 -9.15 19.46
N PRO A 164 -4.49 -9.54 20.50
CA PRO A 164 -4.35 -10.92 20.99
C PRO A 164 -4.71 -11.94 19.92
N VAL A 165 -5.73 -11.62 19.12
CA VAL A 165 -6.16 -12.51 18.06
C VAL A 165 -5.07 -12.59 16.99
N CYS A 166 -4.47 -11.44 16.67
CA CYS A 166 -3.39 -11.41 15.67
C CYS A 166 -2.27 -12.33 16.14
N LYS A 167 -1.86 -12.16 17.40
CA LYS A 167 -0.79 -12.94 17.97
C LYS A 167 -1.08 -14.45 18.01
N ASP A 168 -2.30 -14.81 18.37
CA ASP A 168 -2.67 -16.22 18.46
C ASP A 168 -2.92 -16.90 17.12
N SER A 169 -2.85 -16.14 16.03
CA SER A 169 -3.09 -16.70 14.71
C SER A 169 -1.81 -17.17 14.03
N THR A 170 -0.66 -16.88 14.65
CA THR A 170 0.62 -17.20 14.03
C THR A 170 1.70 -17.57 15.04
N ARG A 171 2.76 -18.20 14.56
CA ARG A 171 3.88 -18.58 15.41
C ARG A 171 4.97 -17.51 15.33
N ILE A 172 4.81 -16.58 14.39
CA ILE A 172 5.76 -15.49 14.24
C ILE A 172 5.60 -14.48 15.36
N ARG A 173 6.71 -13.89 15.79
CA ARG A 173 6.70 -12.90 16.86
C ARG A 173 6.19 -11.57 16.33
N ILE A 174 5.08 -11.11 16.88
CA ILE A 174 4.47 -9.85 16.47
C ILE A 174 5.01 -8.71 17.33
N THR A 175 5.22 -7.55 16.73
CA THR A 175 5.73 -6.39 17.45
C THR A 175 4.75 -5.23 17.37
N ASP A 176 5.01 -4.18 18.16
CA ASP A 176 4.14 -3.01 18.18
C ASP A 176 4.20 -2.24 16.86
N ASN A 177 5.17 -2.56 16.01
CA ASN A 177 5.30 -1.87 14.72
C ASN A 177 4.47 -2.54 13.63
N MET A 178 3.61 -3.47 14.03
CA MET A 178 2.73 -4.19 13.11
C MET A 178 1.31 -4.24 13.67
N PHE A 179 0.35 -4.41 12.77
CA PHE A 179 -1.03 -4.62 13.19
C PHE A 179 -1.58 -5.58 12.12
N CYS A 180 -2.65 -6.29 12.43
CA CYS A 180 -3.19 -7.20 11.43
C CYS A 180 -4.64 -6.87 11.13
N ALA A 181 -5.11 -7.30 9.97
CA ALA A 181 -6.47 -7.02 9.55
C ALA A 181 -7.00 -8.17 8.72
N GLY A 182 -8.33 -8.28 8.70
CA GLY A 182 -8.99 -9.33 7.96
C GLY A 182 -10.18 -9.82 8.74
N TYR A 183 -11.06 -10.54 8.07
CA TYR A 183 -12.25 -11.09 8.70
C TYR A 183 -11.96 -12.39 9.42
N LYS A 184 -12.74 -12.69 10.44
CA LYS A 184 -12.58 -13.92 11.19
C LYS A 184 -13.46 -14.97 10.50
N PRO A 185 -13.17 -16.25 10.72
CA PRO A 185 -13.97 -17.31 10.09
C PRO A 185 -15.47 -17.18 10.35
N ASP A 186 -15.83 -16.79 11.57
CA ASP A 186 -17.24 -16.64 11.93
C ASP A 186 -17.91 -15.42 11.31
N GLU A 187 -17.13 -14.50 10.77
CA GLU A 187 -17.69 -13.30 10.16
C GLU A 187 -18.18 -13.53 8.73
N GLY A 188 -17.81 -14.68 8.16
CA GLY A 188 -18.25 -15.01 6.82
C GLY A 188 -17.53 -14.29 5.69
N LYS A 189 -17.55 -12.96 5.72
CA LYS A 189 -16.90 -12.17 4.68
C LYS A 189 -15.43 -12.55 4.55
N ARG A 190 -14.86 -12.32 3.37
CA ARG A 190 -13.46 -12.68 3.12
C ARG A 190 -12.68 -11.52 2.52
N GLY A 191 -11.42 -11.77 2.19
CA GLY A 191 -10.58 -10.74 1.60
C GLY A 191 -9.20 -10.67 2.23
N ASP A 192 -8.20 -10.38 1.41
CA ASP A 192 -6.83 -10.30 1.89
C ASP A 192 -5.92 -9.83 0.76
N ALA A 193 -4.72 -9.40 1.14
CA ALA A 193 -3.74 -9.00 0.14
C ALA A 193 -3.07 -10.32 -0.26
N CYS A 194 -2.31 -10.31 -1.34
CA CYS A 194 -1.63 -11.52 -1.79
C CYS A 194 -0.32 -11.13 -2.48
N GLU A 195 0.34 -12.11 -3.10
CA GLU A 195 1.61 -11.85 -3.78
C GLU A 195 1.50 -10.73 -4.79
N GLY A 196 2.37 -9.73 -4.67
CA GLY A 196 2.35 -8.60 -5.59
C GLY A 196 1.73 -7.36 -4.96
N ASP A 197 0.98 -7.54 -3.87
CA ASP A 197 0.34 -6.43 -3.18
C ASP A 197 1.25 -5.80 -2.13
N SER A 198 2.28 -6.54 -1.73
CA SER A 198 3.26 -6.08 -0.73
C SER A 198 3.71 -4.67 -1.04
N GLY A 199 3.86 -3.86 0.01
CA GLY A 199 4.32 -2.50 -0.18
C GLY A 199 3.22 -1.49 -0.41
N GLY A 200 2.05 -1.99 -0.80
CA GLY A 200 0.91 -1.13 -1.04
C GLY A 200 0.34 -0.54 0.23
N PRO A 201 -0.59 0.41 0.10
CA PRO A 201 -1.21 1.08 1.26
C PRO A 201 -2.47 0.47 1.87
N PHE A 202 -2.59 0.66 3.18
CA PHE A 202 -3.78 0.28 3.94
C PHE A 202 -4.22 1.68 4.38
N VAL A 203 -5.32 2.16 3.81
CA VAL A 203 -5.80 3.51 4.10
C VAL A 203 -7.15 3.55 4.79
N MET A 204 -7.39 4.67 5.47
CA MET A 204 -8.65 4.88 6.19
C MET A 204 -9.09 6.30 5.91
N LYS A 205 -10.40 6.51 5.79
CA LYS A 205 -10.91 7.86 5.54
C LYS A 205 -11.36 8.47 6.86
N SER A 206 -10.67 9.50 7.29
CA SER A 206 -11.03 10.14 8.56
C SER A 206 -12.43 10.73 8.54
N PRO A 207 -13.27 10.37 9.53
CA PRO A 207 -14.63 10.90 9.57
C PRO A 207 -14.62 12.31 10.16
N PHE A 208 -13.46 12.75 10.60
CA PHE A 208 -13.29 14.09 11.20
C PHE A 208 -13.05 15.16 10.14
N ASN A 209 -12.20 14.87 9.16
CA ASN A 209 -11.90 15.85 8.11
C ASN A 209 -12.08 15.33 6.69
N ASN A 210 -12.63 14.12 6.57
CA ASN A 210 -12.89 13.51 5.27
C ASN A 210 -11.69 13.35 4.34
N ARG A 211 -10.52 13.15 4.94
CA ARG A 211 -9.29 12.93 4.19
C ARG A 211 -8.81 11.49 4.36
N TRP A 212 -8.16 10.97 3.34
CA TRP A 212 -7.62 9.61 3.39
C TRP A 212 -6.23 9.64 3.99
N TYR A 213 -6.00 8.72 4.93
CA TYR A 213 -4.74 8.58 5.64
C TYR A 213 -4.19 7.17 5.46
N GLN A 214 -2.88 7.06 5.25
CA GLN A 214 -2.28 5.75 5.13
C GLN A 214 -1.82 5.30 6.51
N MET A 215 -2.54 4.33 7.07
CA MET A 215 -2.25 3.82 8.40
C MET A 215 -1.30 2.62 8.37
N GLY A 216 -1.26 1.89 7.26
CA GLY A 216 -0.39 0.75 7.18
C GLY A 216 0.20 0.52 5.80
N ILE A 217 1.15 -0.41 5.76
CA ILE A 217 1.81 -0.82 4.52
C ILE A 217 1.66 -2.35 4.49
N VAL A 218 1.21 -2.89 3.36
CA VAL A 218 1.05 -4.35 3.23
C VAL A 218 2.44 -4.94 3.49
N SER A 219 2.57 -5.71 4.58
CA SER A 219 3.86 -6.26 4.96
C SER A 219 4.05 -7.76 4.76
N TRP A 220 3.27 -8.59 5.45
CA TRP A 220 3.44 -10.04 5.30
C TRP A 220 2.20 -10.81 5.70
N GLY A 221 2.17 -12.08 5.27
CA GLY A 221 1.07 -12.95 5.58
C GLY A 221 1.49 -14.38 5.29
N GLU A 222 0.75 -15.34 5.81
CA GLU A 222 1.05 -16.75 5.57
C GLU A 222 -0.07 -17.24 4.68
N GLY A 223 0.20 -17.31 3.38
CA GLY A 223 -0.81 -17.71 2.44
C GLY A 223 -1.66 -16.48 2.18
N CYS A 224 -2.80 -16.65 1.53
CA CYS A 224 -3.68 -15.54 1.24
C CYS A 224 -5.13 -15.91 1.49
N ASP A 225 -5.83 -15.08 2.26
CA ASP A 225 -7.23 -15.28 2.58
C ASP A 225 -7.52 -16.66 3.19
N ARG A 226 -6.61 -17.14 4.02
CA ARG A 226 -6.81 -18.43 4.68
C ARG A 226 -7.63 -18.19 5.94
N ASP A 227 -8.54 -19.12 6.24
CA ASP A 227 -9.36 -18.99 7.44
C ASP A 227 -8.48 -19.04 8.68
N GLY A 228 -8.73 -18.14 9.62
CA GLY A 228 -7.95 -18.12 10.85
C GLY A 228 -6.62 -17.40 10.74
N LYS A 229 -6.29 -16.91 9.55
CA LYS A 229 -5.04 -16.19 9.34
C LYS A 229 -5.40 -14.74 9.02
N TYR A 230 -4.43 -13.83 9.21
CA TYR A 230 -4.66 -12.41 8.96
C TYR A 230 -3.45 -11.79 8.30
N GLY A 231 -3.69 -10.73 7.53
CA GLY A 231 -2.59 -10.04 6.89
C GLY A 231 -1.97 -9.09 7.89
N PHE A 232 -0.65 -8.93 7.82
CA PHE A 232 0.05 -8.02 8.72
C PHE A 232 0.54 -6.80 7.98
N TYR A 233 0.41 -5.66 8.67
CA TYR A 233 0.74 -4.37 8.11
C TYR A 233 1.69 -3.56 8.98
N THR A 234 2.59 -2.82 8.32
CA THR A 234 3.51 -1.96 9.03
C THR A 234 2.70 -0.81 9.61
N HIS A 235 2.94 -0.51 10.88
CA HIS A 235 2.25 0.56 11.61
C HIS A 235 2.93 1.87 11.22
N VAL A 236 2.37 2.56 10.22
CA VAL A 236 2.97 3.79 9.73
C VAL A 236 3.20 4.88 10.77
N PHE A 237 2.20 5.16 11.59
CA PHE A 237 2.39 6.21 12.59
C PHE A 237 3.57 5.92 13.53
N ARG A 238 3.73 4.68 13.95
CA ARG A 238 4.82 4.35 14.87
C ARG A 238 6.20 4.56 14.27
N LEU A 239 6.27 4.65 12.94
CA LEU A 239 7.55 4.84 12.27
C LEU A 239 7.62 6.20 11.58
N LYS A 240 6.67 7.08 11.89
CA LYS A 240 6.64 8.40 11.27
C LYS A 240 7.85 9.27 11.60
N LYS A 241 8.41 9.12 12.80
CA LYS A 241 9.57 9.91 13.18
C LYS A 241 10.71 9.63 12.21
N TRP A 242 10.86 8.37 11.82
CA TRP A 242 11.91 8.00 10.87
C TRP A 242 11.60 8.61 9.51
N ILE A 243 10.34 8.52 9.09
CA ILE A 243 9.94 9.08 7.81
C ILE A 243 10.28 10.58 7.75
N GLN A 244 9.90 11.30 8.80
CA GLN A 244 10.14 12.73 8.88
C GLN A 244 11.64 13.04 8.88
N LYS A 245 12.40 12.24 9.61
CA LYS A 245 13.84 12.43 9.70
C LYS A 245 14.49 12.32 8.31
N VAL A 246 14.11 11.29 7.57
CA VAL A 246 14.66 11.07 6.24
C VAL A 246 14.30 12.22 5.29
N ILE A 247 13.02 12.58 5.25
CA ILE A 247 12.58 13.65 4.38
C ILE A 247 13.19 15.00 4.74
N ASP A 248 13.30 15.27 6.04
CA ASP A 248 13.88 16.54 6.49
C ASP A 248 15.36 16.63 6.13
N GLN A 249 16.07 15.52 6.28
CA GLN A 249 17.49 15.48 5.99
C GLN A 249 17.81 15.41 4.50
N PHE A 250 17.00 14.66 3.75
CA PHE A 250 17.22 14.52 2.32
C PHE A 250 16.08 15.14 1.52
N GLY A 251 15.66 16.27 1.85
N GLY B 1 6.98 -11.27 -21.54
CA GLY B 1 6.18 -10.31 -22.33
C GLY B 1 4.74 -10.22 -21.86
N ASP B 2 4.55 -10.22 -20.54
CA ASP B 2 3.22 -10.14 -19.96
C ASP B 2 2.73 -8.69 -19.97
N PHE B 3 3.67 -7.76 -19.81
CA PHE B 3 3.35 -6.34 -19.80
C PHE B 3 3.63 -5.67 -21.14
N GLU B 4 2.83 -4.68 -21.47
CA GLU B 4 3.01 -3.94 -22.71
C GLU B 4 4.27 -3.11 -22.57
N GLU B 5 5.06 -3.03 -23.65
CA GLU B 5 6.30 -2.27 -23.61
C GLU B 5 6.04 -0.81 -23.29
N ILE B 6 6.99 -0.19 -22.59
CA ILE B 6 6.88 1.22 -22.23
C ILE B 6 7.89 2.03 -23.05
N PRO B 7 7.64 3.34 -23.21
CA PRO B 7 8.54 4.21 -23.98
C PRO B 7 10.01 4.02 -23.59
N GLU B 8 10.88 4.08 -24.59
CA GLU B 8 12.31 3.90 -24.36
C GLU B 8 12.94 5.02 -23.54
N GLU B 9 12.39 6.22 -23.67
CA GLU B 9 12.90 7.40 -22.96
C GLU B 9 13.20 7.10 -21.49
N ALA B 11 13.67 2.90 -20.91
CA ALA B 11 14.64 2.00 -20.31
C ALA B 11 15.98 2.72 -20.10
N ALA C 7 -1.90 19.62 3.72
CA ALA C 7 -2.29 20.55 2.63
C ALA C 7 -3.53 20.04 1.89
N ASP C 8 -3.32 19.46 0.72
CA ASP C 8 -4.42 18.93 -0.07
C ASP C 8 -4.36 17.40 -0.13
N CYS C 9 -3.45 16.84 0.66
CA CYS C 9 -3.29 15.38 0.69
C CYS C 9 -4.58 14.67 1.09
N GLY C 10 -4.75 13.46 0.57
CA GLY C 10 -5.91 12.66 0.92
C GLY C 10 -7.27 13.06 0.41
N LEU C 11 -7.32 14.08 -0.46
CA LEU C 11 -8.57 14.53 -1.05
C LEU C 11 -8.45 14.19 -2.53
N ARG C 12 -9.23 13.20 -2.98
CA ARG C 12 -9.16 12.74 -4.35
C ARG C 12 -9.83 13.64 -5.36
N PRO C 13 -9.13 13.98 -6.45
CA PRO C 13 -9.71 14.85 -7.48
C PRO C 13 -11.06 14.40 -8.01
N LEU C 14 -11.22 13.09 -8.21
CA LEU C 14 -12.47 12.57 -8.76
C LEU C 14 -13.52 12.18 -7.73
N PHE C 15 -13.22 12.39 -6.46
CA PHE C 15 -14.18 12.06 -5.42
C PHE C 15 -14.36 13.20 -4.43
N GLU C 16 -13.57 13.28 -3.37
CA GLU C 16 -13.73 14.36 -2.40
C GLU C 16 -13.73 15.76 -3.02
N LYS C 17 -12.83 16.01 -3.95
CA LYS C 17 -12.73 17.33 -4.57
C LYS C 17 -14.01 17.78 -5.27
N LYS C 18 -14.78 16.84 -5.80
CA LYS C 18 -16.03 17.20 -6.49
C LYS C 18 -17.26 16.66 -5.75
N SER C 19 -17.07 16.30 -4.48
CA SER C 19 -18.12 15.78 -3.63
C SER C 19 -18.86 14.57 -4.20
N LEU C 20 -18.10 13.57 -4.62
CA LEU C 20 -18.66 12.32 -5.13
C LEU C 20 -18.07 11.25 -4.22
N GLU C 21 -18.87 10.24 -3.90
CA GLU C 21 -18.40 9.17 -3.03
C GLU C 21 -18.15 7.91 -3.85
N ASP C 22 -17.17 7.11 -3.46
CA ASP C 22 -16.91 5.90 -4.20
C ASP C 22 -17.90 4.83 -3.72
N LYS C 23 -17.92 3.69 -4.42
CA LYS C 23 -18.85 2.61 -4.12
C LYS C 23 -18.83 1.94 -2.76
N THR C 24 -17.70 1.97 -2.06
CA THR C 24 -17.65 1.30 -0.77
C THR C 24 -17.11 2.09 0.42
N GLU C 25 -16.84 3.39 0.24
CA GLU C 25 -16.31 4.14 1.36
C GLU C 25 -17.28 4.21 2.53
N ARG C 26 -18.57 4.08 2.26
CA ARG C 26 -19.56 4.11 3.34
C ARG C 26 -19.34 2.93 4.29
N GLU C 27 -18.85 1.82 3.76
CA GLU C 27 -18.59 0.63 4.58
C GLU C 27 -17.56 0.99 5.66
N LEU C 28 -16.58 1.80 5.28
CA LEU C 28 -15.55 2.21 6.22
C LEU C 28 -16.18 3.11 7.29
N LEU C 29 -16.91 4.14 6.85
CA LEU C 29 -17.54 5.05 7.79
C LEU C 29 -18.41 4.32 8.80
N GLU C 30 -19.22 3.38 8.33
CA GLU C 30 -20.10 2.64 9.22
C GLU C 30 -19.35 1.81 10.27
N SER C 31 -18.09 1.49 9.99
CA SER C 31 -17.31 0.71 10.95
C SER C 31 -16.66 1.59 12.01
N TYR C 32 -16.66 2.90 11.79
CA TYR C 32 -16.05 3.80 12.76
C TYR C 32 -17.12 4.19 13.79
N ILE C 33 -17.44 3.24 14.66
CA ILE C 33 -18.45 3.43 15.68
C ILE C 33 -17.93 4.09 16.96
N ASP C 34 -18.78 4.41 17.83
#